data_1OYU
#
_entry.id   1OYU
#
_cell.length_a   60.350
_cell.length_b   60.350
_cell.length_c   213.900
_cell.angle_alpha   90.00
_cell.angle_beta   90.00
_cell.angle_gamma   90.00
#
_symmetry.space_group_name_H-M   'P 41 21 2'
#
loop_
_entity.id
_entity.type
_entity.pdbx_description
1 polymer Lysozyme
2 water water
#
_entity_poly.entity_id   1
_entity_poly.type   'polypeptide(L)'
_entity_poly.pdbx_seq_one_letter_code
;MNIFEMLRIDEGLRLKIYKDTEGYYTIGIGHLLTKSPSLNAAKSELDKAINAAKSELDKAIGGGGGGVITKDEAEKLFNQ
DVDAAVRGILRNAKLKPVYDSLDAVRRAALINMVFQMGETGVAGFTNSLRMLQQKRWDEAAVNLAKSRWYNQTPNRAKRV
ITTFRTGTWDAYKNL
;
_entity_poly.pdbx_strand_id   A,B
#
# COMPACT_ATOMS: atom_id res chain seq x y z
N MET A 1 29.69 -30.86 16.79
CA MET A 1 28.81 -30.93 15.63
C MET A 1 27.73 -29.88 15.75
N ASN A 2 27.37 -29.32 14.61
CA ASN A 2 26.35 -28.27 14.50
C ASN A 2 25.89 -28.12 13.06
N ILE A 3 24.83 -27.38 12.87
CA ILE A 3 24.31 -27.20 11.54
C ILE A 3 25.35 -26.73 10.51
N PHE A 4 26.23 -25.85 10.90
CA PHE A 4 27.22 -25.41 9.94
C PHE A 4 28.17 -26.54 9.52
N GLU A 5 28.63 -27.30 10.50
CA GLU A 5 29.51 -28.46 10.31
C GLU A 5 28.82 -29.56 9.52
N MET A 6 27.50 -29.65 9.68
CA MET A 6 26.66 -30.64 9.03
C MET A 6 26.56 -30.35 7.53
N LEU A 7 26.25 -29.11 7.22
CA LEU A 7 26.14 -28.69 5.84
C LEU A 7 27.52 -28.67 5.16
N ARG A 8 28.58 -28.42 5.94
CA ARG A 8 29.93 -28.43 5.37
C ARG A 8 30.31 -29.84 5.01
N ILE A 9 29.81 -30.78 5.78
CA ILE A 9 30.02 -32.19 5.49
C ILE A 9 29.30 -32.57 4.20
N ASP A 10 27.98 -32.39 4.25
CA ASP A 10 27.04 -32.72 3.18
C ASP A 10 27.24 -32.01 1.85
N GLU A 11 27.73 -30.77 1.89
CA GLU A 11 27.94 -29.94 0.70
C GLU A 11 29.40 -29.82 0.32
N GLY A 12 30.29 -29.98 1.31
CA GLY A 12 31.69 -29.81 1.07
C GLY A 12 32.02 -28.30 1.02
N LEU A 13 33.25 -28.00 0.72
CA LEU A 13 33.67 -26.63 0.63
C LEU A 13 34.57 -26.50 -0.59
N ARG A 14 33.94 -26.14 -1.70
CA ARG A 14 34.68 -26.00 -2.93
C ARG A 14 34.84 -24.54 -3.27
N LEU A 15 36.10 -24.11 -3.46
CA LEU A 15 36.42 -22.71 -3.76
C LEU A 15 36.44 -22.41 -5.27
N LYS A 16 36.26 -23.45 -6.07
CA LYS A 16 36.24 -23.33 -7.53
C LYS A 16 34.92 -23.88 -8.07
N ILE A 17 34.34 -23.20 -9.04
CA ILE A 17 33.08 -23.67 -9.62
C ILE A 17 33.09 -25.15 -9.83
N TYR A 18 31.97 -25.80 -9.48
CA TYR A 18 31.73 -27.24 -9.58
C TYR A 18 30.27 -27.48 -9.90
N LYS A 19 29.89 -28.74 -10.04
CA LYS A 19 28.52 -29.09 -10.36
C LYS A 19 27.81 -29.88 -9.26
N ASP A 20 26.55 -29.52 -9.01
CA ASP A 20 25.69 -30.17 -8.07
C ASP A 20 25.41 -31.60 -8.53
N THR A 21 24.59 -32.29 -7.73
CA THR A 21 24.16 -33.62 -8.01
C THR A 21 23.11 -33.61 -9.12
N GLU A 22 22.80 -32.42 -9.63
CA GLU A 22 21.82 -32.29 -10.73
C GLU A 22 22.55 -31.80 -11.97
N GLY A 23 23.87 -31.59 -11.83
CA GLY A 23 24.74 -31.13 -12.90
C GLY A 23 24.89 -29.60 -13.00
N TYR A 24 24.21 -28.88 -12.13
CA TYR A 24 24.23 -27.42 -12.10
C TYR A 24 25.49 -26.80 -11.48
N TYR A 25 25.94 -25.73 -12.11
CA TYR A 25 27.09 -24.99 -11.63
C TYR A 25 26.84 -24.37 -10.25
N THR A 26 27.75 -24.70 -9.35
CA THR A 26 27.69 -24.30 -7.97
C THR A 26 29.08 -23.93 -7.46
N ILE A 27 29.12 -23.21 -6.35
CA ILE A 27 30.37 -22.79 -5.76
C ILE A 27 30.23 -22.66 -4.24
N GLY A 28 31.35 -22.70 -3.54
CA GLY A 28 31.38 -22.56 -2.10
C GLY A 28 30.78 -23.77 -1.44
N ILE A 29 30.02 -23.52 -0.39
CA ILE A 29 29.36 -24.59 0.32
C ILE A 29 27.97 -24.80 -0.22
N GLY A 30 27.88 -25.25 -1.46
CA GLY A 30 26.61 -25.56 -2.08
C GLY A 30 25.75 -24.38 -2.47
N HIS A 31 26.37 -23.38 -3.07
CA HIS A 31 25.67 -22.18 -3.52
C HIS A 31 25.40 -22.24 -5.04
N LEU A 32 24.13 -22.50 -5.43
CA LEU A 32 23.76 -22.60 -6.86
C LEU A 32 24.02 -21.32 -7.64
N LEU A 33 24.76 -21.41 -8.76
CA LEU A 33 25.08 -20.24 -9.60
C LEU A 33 24.11 -20.07 -10.74
N THR A 34 23.89 -21.14 -11.50
CA THR A 34 22.99 -21.10 -12.63
C THR A 34 22.64 -22.50 -13.10
N LYS A 35 21.50 -22.62 -13.76
CA LYS A 35 21.06 -23.89 -14.28
C LYS A 35 21.53 -24.03 -15.71
N SER A 36 22.00 -22.91 -16.29
CA SER A 36 22.52 -22.94 -17.65
C SER A 36 23.71 -23.87 -17.73
N PRO A 37 23.71 -24.68 -18.75
CA PRO A 37 24.79 -25.62 -18.97
C PRO A 37 25.94 -24.88 -19.61
N SER A 38 26.27 -23.76 -19.01
CA SER A 38 27.31 -22.88 -19.50
C SER A 38 28.18 -22.32 -18.38
N LEU A 39 29.48 -22.63 -18.48
CA LEU A 39 30.48 -22.19 -17.52
C LEU A 39 30.65 -20.69 -17.52
N ASN A 40 30.31 -20.10 -18.65
CA ASN A 40 30.40 -18.67 -18.86
C ASN A 40 29.36 -17.94 -18.03
N ALA A 41 28.13 -18.45 -18.09
CA ALA A 41 27.02 -17.87 -17.35
C ALA A 41 27.29 -17.97 -15.84
N ALA A 42 27.92 -19.09 -15.45
CA ALA A 42 28.29 -19.38 -14.08
C ALA A 42 29.18 -18.29 -13.52
N LYS A 43 30.29 -18.06 -14.25
CA LYS A 43 31.25 -17.03 -13.90
C LYS A 43 30.51 -15.72 -13.75
N SER A 44 29.78 -15.38 -14.80
CA SER A 44 28.92 -14.22 -14.87
C SER A 44 28.08 -14.08 -13.61
N GLU A 45 27.40 -15.15 -13.24
CA GLU A 45 26.58 -15.11 -12.04
C GLU A 45 27.44 -14.96 -10.80
N LEU A 46 28.61 -15.61 -10.83
CA LEU A 46 29.57 -15.60 -9.71
C LEU A 46 30.09 -14.19 -9.45
N ASP A 47 30.53 -13.55 -10.53
CA ASP A 47 31.07 -12.18 -10.53
C ASP A 47 29.97 -11.17 -10.30
N LYS A 48 28.83 -11.64 -9.85
CA LYS A 48 27.66 -10.82 -9.61
C LYS A 48 27.15 -11.03 -8.20
N ALA A 49 27.47 -12.22 -7.70
CA ALA A 49 27.08 -12.65 -6.36
C ALA A 49 28.23 -12.42 -5.41
N ILE A 50 29.36 -12.05 -5.98
CA ILE A 50 30.57 -11.81 -5.22
C ILE A 50 30.85 -10.32 -5.00
N ASN A 51 30.69 -9.54 -6.06
CA ASN A 51 30.93 -8.14 -5.92
C ASN A 51 29.70 -7.45 -5.37
N ALA A 52 28.56 -8.16 -5.45
CA ALA A 52 27.29 -7.61 -5.00
C ALA A 52 27.24 -7.20 -3.55
N ALA A 53 27.90 -8.00 -2.71
CA ALA A 53 27.91 -7.78 -1.27
C ALA A 53 28.47 -6.45 -0.79
N LYS A 54 29.62 -6.05 -1.33
CA LYS A 54 30.26 -4.79 -0.94
C LYS A 54 30.55 -3.95 -2.17
N SER A 55 29.63 -4.10 -3.12
CA SER A 55 29.57 -3.53 -4.46
C SER A 55 29.82 -2.05 -4.68
N GLU A 56 28.85 -1.23 -4.26
CA GLU A 56 28.86 0.19 -4.52
C GLU A 56 29.39 1.17 -3.49
N LEU A 57 29.09 0.96 -2.21
CA LEU A 57 29.50 1.90 -1.17
C LEU A 57 30.89 2.53 -1.35
N ASP A 58 31.88 1.70 -1.71
CA ASP A 58 33.23 2.20 -1.89
C ASP A 58 33.95 1.65 -3.12
N LYS A 59 35.25 1.94 -3.21
CA LYS A 59 36.08 1.51 -4.30
C LYS A 59 35.79 0.12 -4.83
N ALA A 60 36.42 -0.21 -5.95
CA ALA A 60 36.26 -1.50 -6.61
C ALA A 60 36.77 -2.65 -5.74
N ILE A 61 36.81 -3.84 -6.34
CA ILE A 61 37.27 -5.03 -5.66
C ILE A 61 37.93 -6.04 -6.58
N GLY A 62 37.58 -5.98 -7.87
CA GLY A 62 38.14 -6.89 -8.84
C GLY A 62 37.54 -6.76 -10.22
N GLY A 63 36.38 -7.38 -10.41
CA GLY A 63 35.70 -7.34 -11.70
C GLY A 63 36.45 -8.11 -12.76
N GLY A 64 36.39 -9.44 -12.67
CA GLY A 64 37.06 -10.33 -13.60
C GLY A 64 36.60 -11.77 -13.45
N GLY A 65 36.08 -12.35 -14.53
CA GLY A 65 35.59 -13.72 -14.55
C GLY A 65 36.65 -14.78 -14.33
N GLY A 66 37.06 -14.91 -13.07
CA GLY A 66 38.07 -15.86 -12.64
C GLY A 66 37.48 -17.23 -12.38
N GLY A 67 36.40 -17.27 -11.58
CA GLY A 67 35.73 -18.51 -11.26
C GLY A 67 36.15 -19.10 -9.91
N VAL A 68 37.10 -18.44 -9.25
CA VAL A 68 37.59 -18.88 -7.96
C VAL A 68 36.97 -18.02 -6.87
N ILE A 69 37.00 -18.52 -5.65
CA ILE A 69 36.41 -17.77 -4.57
C ILE A 69 37.23 -17.83 -3.29
N THR A 70 37.01 -16.80 -2.45
CA THR A 70 37.68 -16.66 -1.17
C THR A 70 36.94 -17.43 -0.08
N LYS A 71 37.66 -18.18 0.74
CA LYS A 71 37.00 -18.90 1.80
C LYS A 71 35.99 -17.99 2.51
N ASP A 72 36.47 -16.80 2.89
CA ASP A 72 35.61 -15.89 3.58
C ASP A 72 34.39 -15.63 2.75
N GLU A 73 34.63 -15.45 1.46
CA GLU A 73 33.59 -15.20 0.48
C GLU A 73 32.57 -16.36 0.43
N ALA A 74 33.10 -17.56 0.39
CA ALA A 74 32.26 -18.73 0.38
C ALA A 74 31.44 -18.75 1.63
N GLU A 75 32.13 -18.39 2.73
CA GLU A 75 31.50 -18.29 4.04
C GLU A 75 30.27 -17.38 4.02
N LYS A 76 30.45 -16.19 3.46
CA LYS A 76 29.41 -15.19 3.36
C LYS A 76 28.20 -15.80 2.67
N LEU A 77 28.38 -16.23 1.44
CA LEU A 77 27.31 -16.85 0.69
C LEU A 77 26.64 -17.95 1.53
N PHE A 78 27.47 -18.72 2.25
CA PHE A 78 27.00 -19.84 3.08
C PHE A 78 26.08 -19.37 4.18
N ASN A 79 26.44 -18.22 4.75
CA ASN A 79 25.70 -17.59 5.83
C ASN A 79 24.37 -17.01 5.37
N GLN A 80 24.33 -16.57 4.11
CA GLN A 80 23.11 -16.04 3.48
C GLN A 80 22.13 -17.18 3.13
N ASP A 81 22.70 -18.23 2.49
CA ASP A 81 21.98 -19.43 2.10
C ASP A 81 21.27 -20.06 3.27
N VAL A 82 22.01 -20.33 4.35
CA VAL A 82 21.44 -20.87 5.59
C VAL A 82 20.36 -19.95 6.20
N ASP A 83 20.63 -18.65 6.22
CA ASP A 83 19.66 -17.69 6.76
C ASP A 83 18.38 -17.73 5.92
N ALA A 84 18.60 -17.83 4.62
CA ALA A 84 17.46 -17.91 3.72
C ALA A 84 16.57 -19.10 4.03
N ALA A 85 17.21 -20.29 4.12
CA ALA A 85 16.54 -21.55 4.40
C ALA A 85 15.81 -21.50 5.72
N VAL A 86 16.43 -20.90 6.70
CA VAL A 86 15.76 -20.80 7.98
C VAL A 86 14.48 -19.96 7.91
N ARG A 87 14.58 -18.81 7.25
CA ARG A 87 13.47 -17.90 7.09
C ARG A 87 12.38 -18.48 6.20
N GLY A 88 12.73 -19.43 5.32
CA GLY A 88 11.78 -20.10 4.40
C GLY A 88 10.91 -21.07 5.21
N ILE A 89 11.56 -21.67 6.21
CA ILE A 89 10.92 -22.57 7.13
C ILE A 89 9.87 -21.78 7.92
N LEU A 90 10.33 -20.77 8.69
CA LEU A 90 9.49 -19.87 9.53
C LEU A 90 8.29 -19.26 8.83
N ARG A 91 8.48 -18.87 7.57
CA ARG A 91 7.53 -18.26 6.65
C ARG A 91 6.60 -19.26 5.98
N ASN A 92 6.92 -20.55 6.10
CA ASN A 92 6.11 -21.59 5.48
C ASN A 92 5.05 -22.15 6.40
N ALA A 93 3.78 -22.06 5.98
CA ALA A 93 2.70 -22.54 6.82
C ALA A 93 2.89 -23.97 7.31
N LYS A 94 3.31 -24.85 6.41
CA LYS A 94 3.50 -26.26 6.70
C LYS A 94 4.75 -26.65 7.45
N LEU A 95 5.84 -25.93 7.23
CA LEU A 95 7.14 -26.24 7.83
C LEU A 95 7.33 -25.69 9.22
N LYS A 96 6.71 -24.52 9.44
CA LYS A 96 6.80 -23.75 10.68
C LYS A 96 6.48 -24.50 11.96
N PRO A 97 5.29 -25.08 12.02
CA PRO A 97 4.84 -25.82 13.17
C PRO A 97 5.67 -27.07 13.42
N VAL A 98 6.07 -27.71 12.35
CA VAL A 98 6.88 -28.89 12.51
C VAL A 98 8.21 -28.52 13.13
N TYR A 99 8.74 -27.43 12.62
CA TYR A 99 10.02 -26.87 13.08
C TYR A 99 9.95 -26.48 14.56
N ASP A 100 8.85 -25.80 14.89
CA ASP A 100 8.59 -25.29 16.22
C ASP A 100 8.53 -26.37 17.25
N SER A 101 8.02 -27.50 16.86
CA SER A 101 7.93 -28.62 17.76
C SER A 101 9.23 -29.42 17.89
N LEU A 102 10.12 -29.27 16.94
CA LEU A 102 11.33 -30.06 16.96
C LEU A 102 12.36 -29.61 17.97
N ASP A 103 13.28 -30.52 18.26
CA ASP A 103 14.40 -30.25 19.14
C ASP A 103 15.55 -29.67 18.28
N ALA A 104 16.55 -29.06 18.93
CA ALA A 104 17.68 -28.44 18.24
C ALA A 104 18.36 -29.28 17.18
N VAL A 105 18.55 -30.57 17.46
CA VAL A 105 19.22 -31.45 16.50
C VAL A 105 18.30 -31.75 15.32
N ARG A 106 17.05 -32.05 15.59
CA ARG A 106 16.18 -32.32 14.46
C ARG A 106 15.93 -31.06 13.61
N ARG A 107 16.02 -29.89 14.27
CA ARG A 107 15.83 -28.60 13.63
C ARG A 107 16.81 -28.39 12.50
N ALA A 108 18.07 -28.77 12.74
CA ALA A 108 19.04 -28.62 11.68
C ALA A 108 18.83 -29.70 10.63
N ALA A 109 18.14 -30.78 10.99
CA ALA A 109 17.93 -31.71 9.91
C ALA A 109 16.95 -31.04 8.97
N LEU A 110 15.95 -30.36 9.54
CA LEU A 110 14.99 -29.66 8.71
C LEU A 110 15.64 -28.56 7.85
N ILE A 111 16.47 -27.71 8.47
CA ILE A 111 17.22 -26.66 7.76
C ILE A 111 17.98 -27.29 6.59
N ASN A 112 18.74 -28.32 6.94
CA ASN A 112 19.53 -29.07 5.98
C ASN A 112 18.68 -29.42 4.73
N MET A 113 17.49 -29.99 4.96
CA MET A 113 16.63 -30.34 3.84
C MET A 113 16.20 -29.09 3.08
N VAL A 114 15.76 -28.07 3.82
CA VAL A 114 15.30 -26.86 3.14
C VAL A 114 16.38 -26.26 2.25
N PHE A 115 17.61 -26.36 2.75
CA PHE A 115 18.82 -25.85 2.13
C PHE A 115 19.14 -26.64 0.86
N GLN A 116 18.76 -27.88 0.85
CA GLN A 116 19.03 -28.69 -0.32
C GLN A 116 17.97 -28.59 -1.40
N MET A 117 16.69 -28.66 -1.04
CA MET A 117 15.69 -28.63 -2.07
C MET A 117 14.71 -27.47 -2.09
N GLY A 118 14.84 -26.54 -1.17
CA GLY A 118 13.91 -25.45 -1.14
C GLY A 118 12.70 -25.71 -0.24
N GLU A 119 12.06 -24.59 0.10
CA GLU A 119 10.91 -24.46 0.98
C GLU A 119 9.72 -25.31 0.48
N THR A 120 9.31 -25.07 -0.75
CA THR A 120 8.21 -25.78 -1.34
C THR A 120 8.52 -27.26 -1.48
N GLY A 121 9.75 -27.52 -1.89
CA GLY A 121 10.22 -28.88 -2.07
C GLY A 121 10.07 -29.74 -0.84
N VAL A 122 10.35 -29.17 0.32
CA VAL A 122 10.27 -29.87 1.60
C VAL A 122 8.82 -29.97 2.11
N ALA A 123 8.10 -28.86 1.95
CA ALA A 123 6.72 -28.77 2.38
C ALA A 123 5.80 -29.80 1.72
N GLY A 124 6.26 -30.38 0.61
CA GLY A 124 5.48 -31.37 -0.12
C GLY A 124 5.52 -32.75 0.50
N PHE A 125 6.30 -32.88 1.56
CA PHE A 125 6.46 -34.10 2.33
C PHE A 125 5.40 -34.23 3.42
N THR A 126 4.16 -34.25 2.98
CA THR A 126 2.96 -34.34 3.79
C THR A 126 3.03 -35.30 4.97
N ASN A 127 3.31 -36.56 4.67
CA ASN A 127 3.36 -37.60 5.67
C ASN A 127 4.47 -37.41 6.68
N SER A 128 5.69 -37.49 6.15
CA SER A 128 6.90 -37.32 6.95
C SER A 128 6.76 -36.16 7.93
N LEU A 129 6.25 -35.05 7.41
CA LEU A 129 6.07 -33.86 8.20
C LEU A 129 5.14 -34.07 9.40
N ARG A 130 3.94 -34.60 9.12
CA ARG A 130 2.96 -34.89 10.17
C ARG A 130 3.50 -35.86 11.21
N MET A 131 4.29 -36.83 10.76
CA MET A 131 4.90 -37.79 11.66
C MET A 131 5.99 -37.15 12.52
N LEU A 132 6.74 -36.23 11.93
CA LEU A 132 7.76 -35.55 12.69
C LEU A 132 7.08 -34.77 13.81
N GLN A 133 5.93 -34.18 13.46
CA GLN A 133 5.17 -33.38 14.39
C GLN A 133 4.68 -34.18 15.58
N GLN A 134 4.32 -35.43 15.29
CA GLN A 134 3.79 -36.38 16.25
C GLN A 134 4.88 -37.15 16.97
N LYS A 135 6.14 -36.84 16.60
CA LYS A 135 7.29 -37.48 17.19
C LYS A 135 7.32 -38.96 16.89
N ARG A 136 6.89 -39.31 15.70
CA ARG A 136 6.89 -40.68 15.24
C ARG A 136 8.12 -40.84 14.35
N TRP A 137 9.28 -40.79 15.03
CA TRP A 137 10.59 -40.88 14.41
C TRP A 137 10.73 -41.97 13.39
N ASP A 138 10.55 -43.20 13.86
CA ASP A 138 10.63 -44.39 13.04
C ASP A 138 9.74 -44.33 11.81
N GLU A 139 8.48 -43.95 12.01
CA GLU A 139 7.53 -43.81 10.93
C GLU A 139 7.98 -42.74 9.92
N ALA A 140 8.45 -41.59 10.41
CA ALA A 140 8.90 -40.53 9.50
C ALA A 140 10.14 -40.95 8.76
N ALA A 141 11.02 -41.64 9.45
CA ALA A 141 12.22 -42.11 8.80
C ALA A 141 11.83 -42.98 7.60
N VAL A 142 11.03 -44.02 7.87
CA VAL A 142 10.55 -44.93 6.85
C VAL A 142 9.92 -44.24 5.65
N ASN A 143 9.15 -43.18 5.90
CA ASN A 143 8.49 -42.50 4.80
C ASN A 143 9.46 -41.74 3.94
N LEU A 144 10.31 -40.98 4.62
CA LEU A 144 11.32 -40.21 3.93
C LEU A 144 12.21 -41.11 3.04
N ALA A 145 12.57 -42.30 3.55
CA ALA A 145 13.41 -43.23 2.81
C ALA A 145 12.77 -43.72 1.51
N LYS A 146 11.44 -43.59 1.44
CA LYS A 146 10.65 -44.03 0.30
C LYS A 146 10.48 -42.91 -0.73
N SER A 147 11.05 -41.77 -0.43
CA SER A 147 10.95 -40.63 -1.31
C SER A 147 12.00 -40.67 -2.41
N ARG A 148 11.82 -39.74 -3.35
CA ARG A 148 12.68 -39.60 -4.50
C ARG A 148 13.92 -38.84 -4.16
N TRP A 149 13.84 -38.14 -3.02
CA TRP A 149 14.94 -37.39 -2.49
C TRP A 149 16.00 -38.38 -2.09
N TYR A 150 15.56 -39.38 -1.37
CA TYR A 150 16.41 -40.44 -0.89
C TYR A 150 17.00 -41.22 -2.04
N ASN A 151 16.13 -41.52 -3.00
CA ASN A 151 16.51 -42.23 -4.21
C ASN A 151 17.67 -41.58 -4.95
N GLN A 152 17.53 -40.29 -5.23
CA GLN A 152 18.56 -39.52 -5.93
C GLN A 152 19.85 -39.23 -5.13
N THR A 153 19.70 -38.94 -3.83
CA THR A 153 20.82 -38.65 -2.94
C THR A 153 20.66 -39.42 -1.65
N PRO A 154 20.91 -40.73 -1.77
CA PRO A 154 20.80 -41.70 -0.70
C PRO A 154 21.76 -41.42 0.47
N ASN A 155 23.04 -41.31 0.17
CA ASN A 155 24.06 -41.05 1.17
C ASN A 155 23.66 -39.90 2.10
N ARG A 156 23.29 -38.77 1.49
CA ARG A 156 22.87 -37.59 2.23
C ARG A 156 21.55 -37.79 2.95
N ALA A 157 20.54 -38.29 2.24
CA ALA A 157 19.26 -38.52 2.85
C ALA A 157 19.39 -39.43 4.07
N LYS A 158 20.13 -40.51 3.94
CA LYS A 158 20.30 -41.44 5.08
C LYS A 158 20.82 -40.72 6.32
N ARG A 159 21.83 -39.87 6.11
CA ARG A 159 22.39 -39.11 7.20
C ARG A 159 21.34 -38.25 7.86
N VAL A 160 20.59 -37.55 7.00
CA VAL A 160 19.51 -36.65 7.41
C VAL A 160 18.46 -37.43 8.19
N ILE A 161 18.00 -38.54 7.60
CA ILE A 161 17.02 -39.41 8.24
C ILE A 161 17.54 -39.92 9.60
N THR A 162 18.78 -40.41 9.63
CA THR A 162 19.34 -40.89 10.90
C THR A 162 19.21 -39.82 11.99
N THR A 163 19.39 -38.56 11.54
CA THR A 163 19.28 -37.40 12.40
C THR A 163 17.86 -37.15 12.86
N PHE A 164 16.90 -37.41 11.96
CA PHE A 164 15.49 -37.27 12.34
C PHE A 164 15.08 -38.40 13.26
N ARG A 165 15.52 -39.62 12.92
CA ARG A 165 15.21 -40.83 13.68
C ARG A 165 15.80 -40.88 15.08
N THR A 166 17.05 -40.49 15.23
CA THR A 166 17.71 -40.55 16.52
C THR A 166 17.67 -39.27 17.33
N GLY A 167 17.86 -38.14 16.67
CA GLY A 167 17.88 -36.87 17.36
C GLY A 167 19.29 -36.66 17.91
N THR A 168 20.22 -37.40 17.31
CA THR A 168 21.64 -37.39 17.63
C THR A 168 22.46 -37.00 16.40
N TRP A 169 23.78 -36.81 16.59
CA TRP A 169 24.65 -36.48 15.49
C TRP A 169 25.48 -37.68 15.03
N ASP A 170 25.06 -38.85 15.48
CA ASP A 170 25.72 -40.10 15.15
C ASP A 170 26.22 -40.21 13.71
N ALA A 171 25.32 -39.88 12.76
CA ALA A 171 25.61 -39.99 11.31
C ALA A 171 26.67 -39.06 10.77
N TYR A 172 27.01 -38.06 11.56
CA TYR A 172 28.00 -37.12 11.16
C TYR A 172 29.25 -37.27 11.97
N LYS A 173 29.25 -38.28 12.83
CA LYS A 173 30.37 -38.56 13.71
C LYS A 173 31.42 -39.39 13.02
N MET B 1 -30.14 16.36 -12.85
CA MET B 1 -29.67 16.83 -11.56
C MET B 1 -29.61 18.34 -11.56
N ASN B 2 -29.64 18.96 -10.37
CA ASN B 2 -29.57 20.41 -10.27
C ASN B 2 -28.54 20.84 -9.27
N ILE B 3 -28.33 22.15 -9.21
CA ILE B 3 -27.38 22.80 -8.31
C ILE B 3 -27.54 22.38 -6.87
N PHE B 4 -28.78 22.26 -6.41
CA PHE B 4 -29.11 21.87 -5.05
C PHE B 4 -28.69 20.43 -4.73
N GLU B 5 -28.97 19.54 -5.68
CA GLU B 5 -28.66 18.14 -5.52
C GLU B 5 -27.17 17.89 -5.60
N MET B 6 -26.54 18.72 -6.43
CA MET B 6 -25.11 18.65 -6.67
C MET B 6 -24.38 19.04 -5.40
N LEU B 7 -24.83 20.14 -4.81
CA LEU B 7 -24.24 20.65 -3.59
C LEU B 7 -24.49 19.72 -2.42
N ARG B 8 -25.69 19.18 -2.36
CA ARG B 8 -26.03 18.23 -1.32
C ARG B 8 -25.00 17.11 -1.25
N ILE B 9 -24.64 16.58 -2.43
CA ILE B 9 -23.64 15.52 -2.55
C ILE B 9 -22.29 16.00 -2.05
N ASP B 10 -21.89 17.17 -2.51
CA ASP B 10 -20.60 17.73 -2.19
C ASP B 10 -20.42 18.14 -0.74
N GLU B 11 -21.46 18.76 -0.19
CA GLU B 11 -21.39 19.24 1.17
C GLU B 11 -21.85 18.23 2.20
N GLY B 12 -22.84 17.42 1.81
CA GLY B 12 -23.39 16.42 2.70
C GLY B 12 -24.36 17.04 3.71
N LEU B 13 -24.47 16.41 4.87
CA LEU B 13 -25.35 16.92 5.89
C LEU B 13 -24.89 16.65 7.33
N ARG B 14 -24.43 17.68 8.01
CA ARG B 14 -23.99 17.56 9.40
C ARG B 14 -24.92 18.34 10.33
N LEU B 15 -25.55 17.62 11.26
CA LEU B 15 -26.48 18.21 12.21
C LEU B 15 -25.83 18.90 13.42
N LYS B 16 -24.54 18.63 13.59
CA LYS B 16 -23.72 19.22 14.65
C LYS B 16 -22.65 20.12 14.02
N ILE B 17 -22.01 20.95 14.84
CA ILE B 17 -21.00 21.88 14.37
C ILE B 17 -19.65 21.20 14.14
N TYR B 18 -19.06 21.49 13.00
CA TYR B 18 -17.75 20.98 12.65
C TYR B 18 -16.95 22.05 12.00
N LYS B 19 -15.65 21.77 11.86
CA LYS B 19 -14.75 22.70 11.23
C LYS B 19 -14.45 22.36 9.77
N ASP B 20 -14.33 23.42 8.98
CA ASP B 20 -14.03 23.41 7.56
C ASP B 20 -12.84 22.57 7.23
N THR B 21 -12.37 22.82 6.02
CA THR B 21 -11.17 22.24 5.49
C THR B 21 -10.10 23.26 5.84
N GLU B 22 -10.63 24.45 6.15
CA GLU B 22 -9.83 25.61 6.51
C GLU B 22 -9.85 25.89 8.02
N GLY B 23 -10.62 25.06 8.72
CA GLY B 23 -10.74 25.14 10.17
C GLY B 23 -11.86 26.06 10.66
N TYR B 24 -12.79 26.43 9.76
CA TYR B 24 -13.88 27.31 10.13
C TYR B 24 -15.11 26.59 10.61
N TYR B 25 -15.79 27.19 11.59
CA TYR B 25 -17.02 26.61 12.14
C TYR B 25 -18.12 26.47 11.09
N THR B 26 -18.53 25.24 10.81
CA THR B 26 -19.54 24.96 9.83
C THR B 26 -20.59 24.01 10.39
N ILE B 27 -21.76 24.01 9.73
CA ILE B 27 -22.88 23.16 10.10
C ILE B 27 -23.81 22.87 8.90
N GLY B 28 -24.69 21.89 9.08
CA GLY B 28 -25.67 21.51 8.07
C GLY B 28 -25.12 21.08 6.72
N ILE B 29 -25.48 21.82 5.68
CA ILE B 29 -25.07 21.55 4.31
C ILE B 29 -24.06 22.61 3.81
N GLY B 30 -22.83 22.51 4.29
CA GLY B 30 -21.79 23.46 3.89
C GLY B 30 -21.98 24.89 4.42
N HIS B 31 -22.88 25.08 5.36
CA HIS B 31 -23.13 26.39 5.93
C HIS B 31 -22.00 26.91 6.80
N LEU B 32 -21.19 27.80 6.27
CA LEU B 32 -20.11 28.40 7.02
C LEU B 32 -20.72 29.36 8.04
N LEU B 33 -20.50 29.07 9.33
CA LEU B 33 -21.06 29.85 10.41
C LEU B 33 -20.33 31.21 10.58
N THR B 34 -19.00 31.13 10.67
CA THR B 34 -18.13 32.27 10.82
C THR B 34 -16.67 31.84 10.71
N LYS B 35 -15.78 32.83 10.63
CA LYS B 35 -14.35 32.62 10.54
C LYS B 35 -13.71 32.84 11.89
N SER B 36 -14.59 33.06 12.86
CA SER B 36 -14.20 33.27 14.25
C SER B 36 -13.66 32.01 14.89
N PRO B 37 -12.60 32.20 15.67
CA PRO B 37 -11.94 31.10 16.36
C PRO B 37 -12.72 30.68 17.58
N SER B 38 -13.79 31.43 17.87
CA SER B 38 -14.64 31.20 19.03
C SER B 38 -15.84 30.34 18.77
N LEU B 39 -15.96 29.29 19.57
CA LEU B 39 -17.05 28.35 19.43
C LEU B 39 -18.36 28.97 19.86
N ASN B 40 -18.25 29.87 20.85
CA ASN B 40 -19.39 30.60 21.39
C ASN B 40 -19.96 31.52 20.35
N ALA B 41 -19.05 32.26 19.71
CA ALA B 41 -19.40 33.17 18.61
C ALA B 41 -20.19 32.43 17.50
N ALA B 42 -19.56 31.36 16.98
CA ALA B 42 -20.17 30.53 15.94
C ALA B 42 -21.51 30.02 16.41
N LYS B 43 -21.48 29.46 17.62
CA LYS B 43 -22.68 28.96 18.22
C LYS B 43 -23.76 30.05 18.26
N SER B 44 -23.34 31.28 18.63
CA SER B 44 -24.28 32.40 18.70
C SER B 44 -24.81 32.76 17.32
N GLU B 45 -23.90 32.84 16.37
CA GLU B 45 -24.27 33.11 14.99
C GLU B 45 -25.35 32.15 14.59
N LEU B 46 -25.10 30.88 14.84
CA LEU B 46 -26.02 29.80 14.50
C LEU B 46 -27.42 30.02 15.04
N ASP B 47 -27.51 30.22 16.33
CA ASP B 47 -28.78 30.45 16.97
C ASP B 47 -29.54 31.61 16.33
N LYS B 48 -28.79 32.63 15.94
CA LYS B 48 -29.36 33.79 15.31
C LYS B 48 -29.90 33.47 13.91
N ALA B 49 -29.14 32.65 13.18
CA ALA B 49 -29.53 32.25 11.85
C ALA B 49 -30.79 31.43 11.86
N ILE B 50 -30.97 30.75 12.98
CA ILE B 50 -32.12 29.88 13.23
C ILE B 50 -33.36 30.65 13.57
N ASN B 51 -33.31 31.41 14.66
CA ASN B 51 -34.47 32.21 15.05
C ASN B 51 -34.98 33.03 13.88
N ALA B 52 -34.03 33.46 13.02
CA ALA B 52 -34.38 34.26 11.88
C ALA B 52 -35.58 33.78 11.07
N ALA B 53 -35.64 32.46 10.77
CA ALA B 53 -36.71 31.88 9.93
C ALA B 53 -38.06 31.55 10.56
N LYS B 54 -38.01 31.05 11.77
CA LYS B 54 -39.25 30.81 12.45
C LYS B 54 -39.07 31.30 13.87
N SER B 55 -39.00 32.61 13.96
CA SER B 55 -38.89 33.35 15.19
C SER B 55 -38.95 34.81 14.82
N GLU B 56 -40.11 35.16 14.32
CA GLU B 56 -40.45 36.49 13.88
C GLU B 56 -41.93 36.50 13.60
N LEU B 57 -42.68 36.14 14.66
CA LEU B 57 -44.14 36.04 14.64
C LEU B 57 -44.55 34.71 13.96
N ASP B 58 -43.62 33.79 13.88
CA ASP B 58 -43.92 32.50 13.32
C ASP B 58 -43.01 31.36 13.83
N LYS B 59 -43.67 30.22 14.13
CA LYS B 59 -43.03 28.94 14.51
C LYS B 59 -41.82 29.05 15.47
N ALA B 60 -41.75 30.06 16.32
CA ALA B 60 -40.57 30.13 17.21
C ALA B 60 -40.90 30.28 18.71
N ILE B 61 -41.22 29.23 19.41
CA ILE B 61 -41.38 29.38 20.83
C ILE B 61 -40.06 29.79 21.38
N GLY B 62 -39.01 29.49 20.57
CA GLY B 62 -37.65 29.80 20.89
C GLY B 62 -36.97 28.57 21.44
N GLY B 63 -36.38 27.77 20.60
CA GLY B 63 -35.72 26.59 21.09
C GLY B 63 -34.34 26.42 20.55
N GLY B 64 -33.58 27.44 20.75
CA GLY B 64 -32.20 27.40 20.34
C GLY B 64 -31.56 26.08 20.75
N GLY B 65 -30.48 25.72 20.04
CA GLY B 65 -29.74 24.52 20.32
C GLY B 65 -28.22 24.80 20.25
N GLY B 66 -27.48 24.17 21.20
CA GLY B 66 -26.04 24.36 21.25
C GLY B 66 -25.36 23.60 20.16
N GLY B 67 -24.87 24.34 19.16
CA GLY B 67 -24.17 23.79 18.02
C GLY B 67 -24.89 22.61 17.38
N VAL B 68 -26.20 22.56 17.55
CA VAL B 68 -26.98 21.49 17.00
C VAL B 68 -28.01 22.01 16.02
N ILE B 69 -28.26 21.24 14.98
CA ILE B 69 -29.21 21.69 14.00
C ILE B 69 -30.18 20.60 13.59
N THR B 70 -31.32 21.05 13.09
CA THR B 70 -32.40 20.21 12.62
C THR B 70 -32.25 20.08 11.12
N LYS B 71 -32.74 18.98 10.55
CA LYS B 71 -32.68 18.82 9.10
C LYS B 71 -33.80 19.65 8.56
N ASP B 72 -33.82 20.02 7.32
CA ASP B 72 -34.95 20.87 6.91
C ASP B 72 -34.92 22.27 7.55
N GLU B 73 -33.96 22.43 8.46
CA GLU B 73 -33.61 23.67 9.16
C GLU B 73 -32.30 24.06 8.50
N ALA B 74 -31.50 23.02 8.30
CA ALA B 74 -30.25 23.08 7.59
C ALA B 74 -30.55 23.23 6.09
N GLU B 75 -31.70 22.70 5.67
CA GLU B 75 -32.10 22.79 4.28
C GLU B 75 -32.52 24.22 4.04
N LYS B 76 -32.98 24.81 5.14
CA LYS B 76 -33.41 26.19 5.12
C LYS B 76 -32.24 27.07 4.85
N LEU B 77 -31.23 26.90 5.67
CA LEU B 77 -30.04 27.69 5.50
C LEU B 77 -29.44 27.42 4.15
N PHE B 78 -29.42 26.15 3.79
CA PHE B 78 -28.85 25.65 2.53
C PHE B 78 -29.44 26.33 1.29
N ASN B 79 -30.76 26.50 1.30
CA ASN B 79 -31.46 27.12 0.22
C ASN B 79 -31.12 28.59 0.11
N GLN B 80 -30.96 29.25 1.25
CA GLN B 80 -30.61 30.65 1.22
C GLN B 80 -29.14 30.87 0.79
N ASP B 81 -28.28 29.87 1.12
CA ASP B 81 -26.87 29.90 0.75
C ASP B 81 -26.66 29.83 -0.76
N VAL B 82 -27.41 28.94 -1.41
CA VAL B 82 -27.38 28.80 -2.87
C VAL B 82 -27.92 30.12 -3.50
N ASP B 83 -28.95 30.67 -2.89
CA ASP B 83 -29.49 31.90 -3.37
C ASP B 83 -28.41 32.95 -3.35
N ALA B 84 -27.81 33.10 -2.18
CA ALA B 84 -26.74 34.07 -2.00
C ALA B 84 -25.61 33.93 -3.02
N ALA B 85 -25.19 32.69 -3.29
CA ALA B 85 -24.12 32.43 -4.25
C ALA B 85 -24.50 32.90 -5.66
N VAL B 86 -25.70 32.52 -6.13
CA VAL B 86 -26.18 32.93 -7.46
C VAL B 86 -26.24 34.45 -7.55
N ARG B 87 -26.55 35.07 -6.43
CA ARG B 87 -26.63 36.50 -6.36
C ARG B 87 -25.22 37.09 -6.39
N GLY B 88 -24.30 36.38 -5.71
CA GLY B 88 -22.90 36.78 -5.68
C GLY B 88 -22.40 36.85 -7.11
N ILE B 89 -22.65 35.76 -7.82
CA ILE B 89 -22.30 35.65 -9.22
C ILE B 89 -22.85 36.83 -10.00
N LEU B 90 -24.21 36.84 -10.18
CA LEU B 90 -24.98 37.88 -10.89
C LEU B 90 -24.52 39.32 -10.64
N ARG B 91 -24.23 39.62 -9.37
CA ARG B 91 -23.80 40.94 -8.91
C ARG B 91 -22.38 41.24 -9.32
N ASN B 92 -21.64 40.19 -9.68
CA ASN B 92 -20.23 40.28 -10.03
C ASN B 92 -19.91 40.48 -11.48
N ALA B 93 -19.27 41.61 -11.74
CA ALA B 93 -18.84 42.03 -13.07
C ALA B 93 -17.98 40.99 -13.79
N LYS B 94 -17.16 40.27 -13.02
CA LYS B 94 -16.27 39.23 -13.56
C LYS B 94 -16.95 37.89 -13.78
N LEU B 95 -17.84 37.53 -12.85
CA LEU B 95 -18.54 36.26 -12.90
C LEU B 95 -19.74 36.22 -13.83
N LYS B 96 -20.53 37.29 -13.79
CA LYS B 96 -21.74 37.34 -14.59
C LYS B 96 -21.64 36.89 -16.03
N PRO B 97 -20.66 37.46 -16.77
CA PRO B 97 -20.46 37.17 -18.18
C PRO B 97 -20.16 35.73 -18.46
N VAL B 98 -19.33 35.14 -17.61
CA VAL B 98 -19.01 33.74 -17.74
C VAL B 98 -20.25 32.92 -17.57
N TYR B 99 -20.94 33.19 -16.46
CA TYR B 99 -22.16 32.54 -16.06
C TYR B 99 -23.24 32.60 -17.14
N ASP B 100 -23.50 33.80 -17.65
CA ASP B 100 -24.49 33.98 -18.73
C ASP B 100 -24.16 33.15 -19.94
N SER B 101 -22.89 33.16 -20.30
CA SER B 101 -22.36 32.46 -21.47
C SER B 101 -22.36 30.94 -21.36
N LEU B 102 -22.53 30.48 -20.15
CA LEU B 102 -22.47 29.08 -19.81
C LEU B 102 -23.85 28.39 -19.92
N ASP B 103 -23.90 27.04 -19.94
CA ASP B 103 -25.15 26.22 -20.04
C ASP B 103 -25.56 25.79 -18.62
N ALA B 104 -26.82 25.42 -18.42
CA ALA B 104 -27.22 25.02 -17.08
C ALA B 104 -26.23 24.17 -16.30
N VAL B 105 -25.78 23.06 -16.90
CA VAL B 105 -24.83 22.14 -16.25
C VAL B 105 -23.57 22.80 -15.69
N ARG B 106 -22.88 23.57 -16.53
CA ARG B 106 -21.67 24.28 -16.13
C ARG B 106 -21.98 25.52 -15.26
N ARG B 107 -23.27 25.93 -15.17
CA ARG B 107 -23.62 27.11 -14.38
C ARG B 107 -23.62 26.76 -12.91
N ALA B 108 -24.08 25.57 -12.60
CA ALA B 108 -24.09 25.14 -11.22
C ALA B 108 -22.71 24.70 -10.80
N ALA B 109 -21.83 24.47 -11.76
CA ALA B 109 -20.46 24.11 -11.43
C ALA B 109 -19.78 25.38 -10.94
N LEU B 110 -20.15 26.47 -11.63
CA LEU B 110 -19.69 27.79 -11.30
C LEU B 110 -20.24 28.13 -9.92
N ILE B 111 -21.57 28.01 -9.78
CA ILE B 111 -22.30 28.26 -8.54
C ILE B 111 -21.73 27.44 -7.40
N ASN B 112 -21.31 26.22 -7.73
CA ASN B 112 -20.74 25.29 -6.75
C ASN B 112 -19.50 25.89 -6.11
N MET B 113 -18.59 26.33 -7.00
CA MET B 113 -17.33 26.96 -6.65
C MET B 113 -17.54 28.20 -5.76
N VAL B 114 -18.46 29.07 -6.19
CA VAL B 114 -18.77 30.27 -5.43
C VAL B 114 -19.20 29.89 -4.03
N PHE B 115 -20.17 29.00 -3.98
CA PHE B 115 -20.72 28.46 -2.76
C PHE B 115 -19.61 27.96 -1.85
N GLN B 116 -18.59 27.38 -2.46
CA GLN B 116 -17.50 26.85 -1.68
C GLN B 116 -16.46 27.87 -1.30
N MET B 117 -16.01 28.70 -2.25
CA MET B 117 -14.97 29.65 -1.96
C MET B 117 -15.35 31.12 -1.99
N GLY B 118 -16.61 31.40 -2.28
CA GLY B 118 -17.07 32.78 -2.31
C GLY B 118 -16.68 33.52 -3.59
N GLU B 119 -17.46 34.58 -3.86
CA GLU B 119 -17.38 35.44 -5.02
C GLU B 119 -15.99 35.83 -5.43
N THR B 120 -15.36 36.62 -4.57
CA THR B 120 -14.02 37.11 -4.80
C THR B 120 -13.01 36.01 -4.97
N GLY B 121 -13.23 34.86 -4.34
CA GLY B 121 -12.33 33.74 -4.49
C GLY B 121 -12.40 33.20 -5.93
N VAL B 122 -13.61 32.83 -6.37
CA VAL B 122 -13.78 32.31 -7.72
C VAL B 122 -13.40 33.36 -8.76
N ALA B 123 -13.75 34.61 -8.46
CA ALA B 123 -13.42 35.74 -9.32
C ALA B 123 -11.90 35.87 -9.55
N GLY B 124 -11.12 35.24 -8.69
CA GLY B 124 -9.69 35.30 -8.83
C GLY B 124 -9.19 34.41 -9.96
N PHE B 125 -9.91 33.31 -10.23
CA PHE B 125 -9.52 32.41 -11.30
C PHE B 125 -9.63 33.06 -12.70
N THR B 126 -9.01 34.24 -12.86
CA THR B 126 -9.02 35.04 -14.09
C THR B 126 -8.99 34.32 -15.44
N ASN B 127 -7.96 33.50 -15.67
CA ASN B 127 -7.80 32.82 -16.94
C ASN B 127 -8.70 31.62 -17.13
N SER B 128 -8.88 30.84 -16.08
CA SER B 128 -9.77 29.70 -16.17
C SER B 128 -11.16 30.19 -16.60
N LEU B 129 -11.55 31.35 -16.05
CA LEU B 129 -12.83 31.98 -16.35
C LEU B 129 -12.93 32.31 -17.83
N ARG B 130 -11.86 32.93 -18.33
CA ARG B 130 -11.70 33.36 -19.71
C ARG B 130 -11.82 32.19 -20.68
N MET B 131 -11.23 31.07 -20.28
CA MET B 131 -11.28 29.87 -21.08
C MET B 131 -12.67 29.25 -21.04
N LEU B 132 -13.41 29.54 -19.97
CA LEU B 132 -14.77 29.05 -19.80
C LEU B 132 -15.69 29.80 -20.72
N GLN B 133 -15.44 31.10 -20.80
CA GLN B 133 -16.20 31.98 -21.66
C GLN B 133 -16.03 31.62 -23.15
N GLN B 134 -14.84 31.13 -23.50
CA GLN B 134 -14.48 30.80 -24.87
C GLN B 134 -14.81 29.39 -25.19
N LYS B 135 -15.38 28.71 -24.20
CA LYS B 135 -15.77 27.31 -24.38
C LYS B 135 -14.56 26.40 -24.52
N ARG B 136 -13.47 26.78 -23.86
CA ARG B 136 -12.26 26.02 -23.88
C ARG B 136 -12.22 25.13 -22.69
N TRP B 137 -13.10 24.14 -22.70
CA TRP B 137 -13.23 23.20 -21.61
C TRP B 137 -11.93 22.56 -21.08
N ASP B 138 -11.29 21.74 -21.91
CA ASP B 138 -10.06 21.03 -21.56
C ASP B 138 -8.98 21.95 -21.01
N GLU B 139 -8.82 23.09 -21.66
CA GLU B 139 -7.86 24.03 -21.16
C GLU B 139 -8.31 24.51 -19.79
N ALA B 140 -9.60 24.88 -19.71
CA ALA B 140 -10.21 25.33 -18.46
C ALA B 140 -9.90 24.36 -17.35
N ALA B 141 -10.28 23.10 -17.53
CA ALA B 141 -10.00 22.05 -16.53
C ALA B 141 -8.54 22.05 -16.11
N VAL B 142 -7.65 21.91 -17.09
CA VAL B 142 -6.21 21.89 -16.81
C VAL B 142 -5.77 23.04 -15.92
N ASN B 143 -6.16 24.26 -16.28
CA ASN B 143 -5.79 25.43 -15.51
C ASN B 143 -6.28 25.35 -14.09
N LEU B 144 -7.53 24.88 -13.97
CA LEU B 144 -8.20 24.76 -12.71
C LEU B 144 -7.52 23.78 -11.78
N ALA B 145 -7.12 22.64 -12.32
CA ALA B 145 -6.48 21.63 -11.50
C ALA B 145 -5.29 22.17 -10.73
N LYS B 146 -4.74 23.31 -11.21
CA LYS B 146 -3.59 23.99 -10.66
C LYS B 146 -4.03 25.08 -9.69
N SER B 147 -4.40 24.70 -8.48
CA SER B 147 -4.85 25.70 -7.55
C SER B 147 -4.94 25.15 -6.14
N ARG B 148 -4.85 26.06 -5.16
CA ARG B 148 -4.97 25.67 -3.77
C ARG B 148 -6.23 24.85 -3.65
N TRP B 149 -7.34 25.43 -4.17
CA TRP B 149 -8.65 24.81 -4.18
C TRP B 149 -8.53 23.33 -4.45
N TYR B 150 -7.94 23.04 -5.59
CA TYR B 150 -7.76 21.66 -5.96
C TYR B 150 -6.98 20.85 -4.91
N ASN B 151 -5.86 21.42 -4.49
CA ASN B 151 -5.03 20.77 -3.49
C ASN B 151 -5.73 20.62 -2.14
N GLN B 152 -6.55 21.60 -1.78
CA GLN B 152 -7.22 21.55 -0.50
C GLN B 152 -8.30 20.51 -0.44
N THR B 153 -9.00 20.33 -1.56
CA THR B 153 -10.10 19.36 -1.66
C THR B 153 -10.16 18.81 -3.07
N PRO B 154 -9.20 17.95 -3.39
CA PRO B 154 -9.00 17.36 -4.71
C PRO B 154 -10.15 16.52 -5.25
N ASN B 155 -10.83 15.78 -4.38
CA ASN B 155 -11.93 14.91 -4.77
C ASN B 155 -13.13 15.67 -5.27
N ARG B 156 -13.45 16.74 -4.55
CA ARG B 156 -14.55 17.63 -4.82
C ARG B 156 -14.26 18.47 -6.07
N ALA B 157 -13.05 19.01 -6.09
CA ALA B 157 -12.59 19.83 -7.18
C ALA B 157 -12.71 19.08 -8.49
N LYS B 158 -12.25 17.82 -8.47
CA LYS B 158 -12.29 16.93 -9.61
C LYS B 158 -13.69 16.88 -10.23
N ARG B 159 -14.66 16.60 -9.37
CA ARG B 159 -16.05 16.49 -9.75
C ARG B 159 -16.51 17.73 -10.50
N VAL B 160 -16.31 18.85 -9.85
CA VAL B 160 -16.68 20.11 -10.45
C VAL B 160 -15.98 20.29 -11.80
N ILE B 161 -14.67 20.05 -11.79
CA ILE B 161 -13.86 20.18 -12.98
C ILE B 161 -14.40 19.32 -14.12
N THR B 162 -14.76 18.09 -13.77
CA THR B 162 -15.29 17.17 -14.73
C THR B 162 -16.55 17.74 -15.36
N THR B 163 -17.39 18.36 -14.49
CA THR B 163 -18.65 18.99 -14.88
C THR B 163 -18.43 20.11 -15.87
N PHE B 164 -17.38 20.89 -15.61
CA PHE B 164 -16.99 21.99 -16.45
C PHE B 164 -16.49 21.54 -17.81
N ARG B 165 -15.67 20.49 -17.79
CA ARG B 165 -15.07 19.94 -18.99
C ARG B 165 -16.06 19.31 -19.94
N THR B 166 -16.91 18.45 -19.38
CA THR B 166 -17.87 17.65 -20.12
C THR B 166 -19.27 18.22 -20.37
N GLY B 167 -19.80 19.03 -19.46
CA GLY B 167 -21.13 19.56 -19.66
C GLY B 167 -22.22 18.55 -19.26
N THR B 168 -21.86 17.55 -18.46
CA THR B 168 -22.81 16.55 -18.03
C THR B 168 -22.73 16.34 -16.53
N TRP B 169 -23.55 15.43 -16.03
CA TRP B 169 -23.60 15.14 -14.61
C TRP B 169 -22.89 13.87 -14.21
N ASP B 170 -22.11 13.34 -15.16
CA ASP B 170 -21.35 12.10 -15.00
C ASP B 170 -20.63 11.97 -13.67
N ALA B 171 -19.97 13.04 -13.25
CA ALA B 171 -19.21 13.01 -11.98
C ALA B 171 -20.07 12.98 -10.70
N TYR B 172 -21.41 13.01 -10.87
CA TYR B 172 -22.35 12.99 -9.75
C TYR B 172 -23.28 11.79 -9.81
N LYS B 173 -22.83 10.70 -10.42
CA LYS B 173 -23.65 9.52 -10.53
C LYS B 173 -23.00 8.26 -9.99
#